data_2DEM
#
_entry.id   2DEM
#
_cell.length_a   68.920
_cell.length_b   150.170
_cell.length_c   93.410
_cell.angle_alpha   90.00
_cell.angle_beta   90.00
_cell.angle_gamma   90.00
#
_symmetry.space_group_name_H-M   'C 2 2 21'
#
loop_
_entity.id
_entity.type
_entity.pdbx_description
1 polymer "5'-D(*AP*TP*GP*TP*TP*GP*CP*(D1P)P*TP*TP*AP*GP*TP*CP*C)-3'"
2 polymer "5'-D(*GP*GP*AP*CP*TP*AP*AP*AP*GP*CP*AP*AP*CP*A)-3'"
3 polymer 'uracil-DNA glycosylase'
4 non-polymer 'DIHYDROGENPHOSPHATE ION'
5 non-polymer 'IRON/SULFUR CLUSTER'
6 non-polymer GLYCEROL
7 non-polymer ETHANOL
8 water water
#
loop_
_entity_poly.entity_id
_entity_poly.type
_entity_poly.pdbx_seq_one_letter_code
_entity_poly.pdbx_strand_id
1 'polydeoxyribonucleotide' (DA)(DT)(DG)(DT)(DT)(DG)(DC)(ORP)(DT)(DT)(DA)(DG)(DT)(DC)(DC) C
2 'polydeoxyribonucleotide' (DG)(DG)(DA)(DC)(DT)(DA)(DA)(DA)(DG)(DC)(DA)(DA)(DC)(DA) D
3 'polypeptide(L)'
;MDREAFVQTLTACRLCPRLVAWREEVVGRKRAFRGEPYWARPVPGFGDPEARILLFGLAPGAHGSNRTGRPFTGDASGAF
LYPLLHEAGLSSKPESLPGDDLRLYGVYLTAAVRCAPPKNKPTPEELRACARWTEVELGLLPEVRVYVALGRIALEALLA
HFGLRKSAHPFRHGAHYPLPGGRHLLASYHVSRQNTQTGRLTREMFLEVLMEAKRLAGL
;
A
#
loop_
_chem_comp.id
_chem_comp.type
_chem_comp.name
_chem_comp.formula
2HP non-polymer 'DIHYDROGENPHOSPHATE ION' 'H2 O4 P -1'
DA DNA linking 2'-DEOXYADENOSINE-5'-MONOPHOSPHATE 'C10 H14 N5 O6 P'
DC DNA linking 2'-DEOXYCYTIDINE-5'-MONOPHOSPHATE 'C9 H14 N3 O7 P'
DG DNA linking 2'-DEOXYGUANOSINE-5'-MONOPHOSPHATE 'C10 H14 N5 O7 P'
DT DNA linking THYMIDINE-5'-MONOPHOSPHATE 'C10 H15 N2 O8 P'
EOH non-polymer ETHANOL 'C2 H6 O'
GOL non-polymer GLYCEROL 'C3 H8 O3'
ORP saccharide 2-DEOXY-5-PHOSPHONO-RIBOSE 'C5 H11 O7 P'
SF4 non-polymer 'IRON/SULFUR CLUSTER' 'Fe4 S4'
#
# COMPACT_ATOMS: atom_id res chain seq x y z
C1 ORP A 8 2.90 3.95 6.96
O1 ORP A 8 1.65 3.81 6.24
C2 ORP A 8 3.75 5.02 6.32
C3 ORP A 8 3.33 6.29 7.04
O3 ORP A 8 4.47 7.12 7.34
C4 ORP A 8 2.68 5.84 8.32
O4 ORP A 8 2.52 4.42 8.28
C5 ORP A 8 1.26 6.39 8.40
O5 ORP A 8 0.63 5.90 9.59
P ORP A 8 -0.52 6.72 10.36
O1P ORP A 8 -1.60 7.15 9.45
O2P ORP A 8 -0.84 5.88 11.55
N MET C 1 5.20 -18.06 -9.70
CA MET C 1 4.49 -18.78 -8.61
C MET C 1 3.08 -18.23 -8.48
N ASP C 2 2.19 -18.99 -7.84
CA ASP C 2 0.82 -18.54 -7.64
C ASP C 2 0.76 -17.77 -6.33
N ARG C 3 -0.42 -17.25 -5.99
CA ARG C 3 -0.52 -16.47 -4.76
C ARG C 3 -0.17 -17.22 -3.48
N GLU C 4 -0.64 -18.46 -3.35
CA GLU C 4 -0.34 -19.24 -2.15
C GLU C 4 1.16 -19.32 -1.90
N ALA C 5 1.92 -19.57 -2.96
CA ALA C 5 3.36 -19.67 -2.86
C ALA C 5 3.97 -18.31 -2.50
N PHE C 6 3.39 -17.26 -3.08
CA PHE C 6 3.85 -15.91 -2.81
C PHE C 6 3.68 -15.60 -1.32
N VAL C 7 2.47 -15.81 -0.81
CA VAL C 7 2.19 -15.53 0.59
C VAL C 7 3.07 -16.36 1.53
N GLN C 8 3.25 -17.63 1.20
CA GLN C 8 4.06 -18.52 2.02
C GLN C 8 5.52 -18.06 2.09
N THR C 9 6.13 -17.82 0.94
CA THR C 9 7.52 -17.38 0.94
C THR C 9 7.69 -15.96 1.48
N LEU C 10 6.78 -15.04 1.14
CA LEU C 10 6.89 -13.67 1.64
C LEU C 10 6.89 -13.60 3.17
N THR C 11 5.94 -14.27 3.80
CA THR C 11 5.84 -14.23 5.24
C THR C 11 7.04 -14.82 5.99
N ALA C 12 7.85 -15.61 5.30
CA ALA C 12 9.04 -16.19 5.92
C ALA C 12 10.29 -15.35 5.66
N CYS C 13 10.13 -14.29 4.88
CA CYS C 13 11.27 -13.43 4.54
C CYS C 13 11.90 -12.73 5.75
N ARG C 14 13.23 -12.68 5.76
CA ARG C 14 13.99 -12.04 6.82
C ARG C 14 15.23 -11.38 6.24
N LEU C 15 15.10 -10.82 5.04
CA LEU C 15 16.22 -10.18 4.36
C LEU C 15 16.76 -8.89 4.99
N CYS C 16 15.89 -8.12 5.64
CA CYS C 16 16.29 -6.86 6.26
C CYS C 16 16.37 -6.98 7.78
N PRO C 17 17.58 -7.17 8.31
CA PRO C 17 17.79 -7.30 9.76
C PRO C 17 17.17 -6.22 10.62
N ARG C 18 17.31 -4.96 10.20
CA ARG C 18 16.74 -3.86 10.97
C ARG C 18 15.22 -3.95 11.08
N LEU C 19 14.56 -4.38 10.00
CA LEU C 19 13.11 -4.49 9.98
C LEU C 19 12.60 -5.76 10.65
N VAL C 20 13.35 -6.85 10.53
CA VAL C 20 12.96 -8.09 11.19
C VAL C 20 12.92 -7.81 12.68
N ALA C 21 13.82 -6.95 13.13
CA ALA C 21 13.90 -6.59 14.55
C ALA C 21 12.81 -5.60 14.97
N TRP C 22 12.71 -4.51 14.22
CA TRP C 22 11.73 -3.46 14.52
C TRP C 22 10.28 -3.94 14.54
N ARG C 23 9.90 -4.77 13.58
CA ARG C 23 8.51 -5.26 13.52
C ARG C 23 8.08 -5.99 14.79
N GLU C 24 9.03 -6.60 15.50
CA GLU C 24 8.70 -7.29 16.74
C GLU C 24 8.95 -6.36 17.94
N GLU C 25 9.94 -5.48 17.79
CA GLU C 25 10.29 -4.52 18.85
C GLU C 25 9.12 -3.61 19.25
N VAL C 26 8.30 -3.20 18.29
CA VAL C 26 7.18 -2.31 18.59
C VAL C 26 5.98 -2.99 19.23
N VAL C 27 5.96 -4.32 19.26
CA VAL C 27 4.85 -5.03 19.87
C VAL C 27 4.75 -4.70 21.36
N GLY C 28 3.59 -4.20 21.77
CA GLY C 28 3.38 -3.86 23.17
C GLY C 28 3.79 -2.44 23.53
N ARG C 29 4.37 -1.71 22.57
CA ARG C 29 4.79 -0.34 22.83
C ARG C 29 3.66 0.68 22.83
N LYS C 30 2.54 0.37 22.17
CA LYS C 30 1.40 1.29 22.16
C LYS C 30 0.35 0.84 23.19
N ARG C 31 0.12 1.71 24.18
CA ARG C 31 -0.82 1.44 25.26
C ARG C 31 -2.16 0.83 24.86
N ALA C 32 -2.83 1.42 23.88
CA ALA C 32 -4.14 0.91 23.48
C ALA C 32 -4.15 -0.57 23.08
N PHE C 33 -3.01 -1.08 22.62
CA PHE C 33 -2.96 -2.47 22.16
C PHE C 33 -2.07 -3.41 22.97
N ARG C 34 -1.56 -2.98 24.12
CA ARG C 34 -0.69 -3.85 24.89
C ARG C 34 -1.42 -5.13 25.32
N GLY C 35 -0.74 -6.26 25.15
CA GLY C 35 -1.35 -7.54 25.52
C GLY C 35 -2.07 -8.21 24.38
N GLU C 36 -2.25 -7.51 23.25
CA GLU C 36 -2.93 -8.09 22.10
C GLU C 36 -1.96 -8.75 21.13
N PRO C 37 -2.46 -9.68 20.30
CA PRO C 37 -1.54 -10.32 19.37
C PRO C 37 -1.19 -9.39 18.21
N TYR C 38 0.06 -9.46 17.77
CA TYR C 38 0.56 -8.66 16.65
C TYR C 38 1.03 -9.61 15.56
N TRP C 39 0.76 -9.25 14.31
CA TRP C 39 1.19 -10.04 13.16
C TRP C 39 2.73 -10.07 13.15
N ALA C 40 3.35 -8.89 13.31
CA ALA C 40 4.81 -8.76 13.37
C ALA C 40 5.54 -9.61 12.32
N ARG C 41 5.07 -9.55 11.08
CA ARG C 41 5.64 -10.30 9.99
C ARG C 41 5.42 -9.52 8.70
N PRO C 42 6.00 -9.98 7.58
CA PRO C 42 5.83 -9.29 6.31
C PRO C 42 4.34 -9.22 5.99
N VAL C 43 3.89 -8.11 5.43
CA VAL C 43 2.48 -7.94 5.11
C VAL C 43 2.15 -8.24 3.65
N PRO C 44 1.30 -9.26 3.41
CA PRO C 44 0.90 -9.63 2.05
C PRO C 44 -0.16 -8.63 1.57
N GLY C 45 -0.19 -8.36 0.27
CA GLY C 45 -1.19 -7.43 -0.25
C GLY C 45 -2.59 -7.96 -0.05
N PHE C 46 -3.59 -7.10 -0.20
CA PHE C 46 -4.99 -7.48 0.01
C PHE C 46 -5.90 -6.90 -1.08
N GLY C 47 -6.92 -7.67 -1.48
CA GLY C 47 -7.83 -7.16 -2.49
C GLY C 47 -8.17 -8.07 -3.65
N ASP C 48 -8.68 -7.45 -4.71
CA ASP C 48 -9.12 -8.14 -5.91
C ASP C 48 -7.96 -8.62 -6.77
N PRO C 49 -7.79 -9.95 -6.91
CA PRO C 49 -6.69 -10.43 -7.75
C PRO C 49 -6.85 -10.03 -9.21
N GLU C 50 -8.06 -9.63 -9.58
CA GLU C 50 -8.36 -9.20 -10.95
C GLU C 50 -8.49 -7.68 -11.00
N ALA C 51 -7.91 -6.99 -10.01
CA ALA C 51 -7.97 -5.54 -9.92
C ALA C 51 -7.42 -4.80 -11.13
N ARG C 52 -8.08 -3.69 -11.47
CA ARG C 52 -7.66 -2.84 -12.57
C ARG C 52 -6.93 -1.66 -11.94
N ILE C 53 -7.14 -1.50 -10.64
CA ILE C 53 -6.52 -0.41 -9.89
C ILE C 53 -5.66 -0.94 -8.74
N LEU C 54 -4.44 -0.42 -8.66
CA LEU C 54 -3.51 -0.80 -7.60
C LEU C 54 -3.13 0.45 -6.80
N LEU C 55 -3.37 0.42 -5.49
CA LEU C 55 -2.99 1.52 -4.60
C LEU C 55 -1.71 1.03 -3.94
N PHE C 56 -0.62 1.76 -4.17
CA PHE C 56 0.70 1.39 -3.68
C PHE C 56 1.21 2.28 -2.56
N GLY C 57 1.25 1.73 -1.35
CA GLY C 57 1.71 2.47 -0.19
C GLY C 57 3.20 2.48 0.06
N LEU C 58 3.57 2.99 1.24
CA LEU C 58 4.96 3.09 1.64
C LEU C 58 5.46 1.85 2.39
N ALA C 59 4.87 1.56 3.53
CA ALA C 59 5.26 0.40 4.33
C ALA C 59 4.26 0.18 5.47
N PRO C 60 4.39 -0.95 6.19
CA PRO C 60 3.47 -1.23 7.30
C PRO C 60 3.67 -0.25 8.44
N GLY C 61 2.57 0.15 9.08
CA GLY C 61 2.66 1.05 10.23
C GLY C 61 2.90 0.15 11.44
N ALA C 62 3.69 0.60 12.40
CA ALA C 62 4.00 -0.20 13.59
C ALA C 62 2.79 -0.85 14.24
N HIS C 63 1.72 -0.07 14.41
CA HIS C 63 0.52 -0.59 15.04
C HIS C 63 -0.65 -0.67 14.07
N GLY C 64 -0.31 -0.64 12.78
CA GLY C 64 -1.30 -0.74 11.72
C GLY C 64 -1.27 -2.17 11.17
N SER C 65 -0.89 -2.32 9.91
CA SER C 65 -0.83 -3.65 9.30
C SER C 65 0.18 -4.56 10.00
N ASN C 66 1.18 -3.97 10.64
CA ASN C 66 2.18 -4.80 11.34
C ASN C 66 1.48 -5.48 12.51
N ARG C 67 0.36 -4.91 12.96
CA ARG C 67 -0.39 -5.47 14.07
C ARG C 67 -1.53 -6.38 13.57
N THR C 68 -2.31 -5.88 12.63
CA THR C 68 -3.46 -6.62 12.11
C THR C 68 -3.18 -7.64 11.01
N GLY C 69 -2.10 -7.45 10.25
CA GLY C 69 -1.79 -8.39 9.20
C GLY C 69 -2.41 -8.04 7.86
N ARG C 70 -3.15 -6.94 7.80
CA ARG C 70 -3.79 -6.52 6.56
C ARG C 70 -3.46 -5.07 6.24
N PRO C 71 -3.07 -4.79 4.99
CA PRO C 71 -2.72 -3.42 4.56
C PRO C 71 -3.71 -2.36 5.04
N PHE C 72 -3.17 -1.22 5.48
CA PHE C 72 -3.95 -0.09 5.97
C PHE C 72 -5.03 -0.42 7.00
N THR C 73 -4.87 -1.54 7.71
CA THR C 73 -5.88 -1.91 8.68
C THR C 73 -5.47 -1.73 10.15
N GLY C 74 -6.26 -0.97 10.89
CA GLY C 74 -5.99 -0.77 12.31
C GLY C 74 -5.29 0.52 12.73
N ASP C 75 -5.18 1.48 11.82
CA ASP C 75 -4.54 2.75 12.13
C ASP C 75 -5.29 3.91 11.45
N ALA C 76 -4.77 5.12 11.65
CA ALA C 76 -5.37 6.33 11.10
C ALA C 76 -5.42 6.35 9.58
N SER C 77 -4.45 5.72 8.92
CA SER C 77 -4.44 5.68 7.47
C SER C 77 -5.64 4.90 6.95
N GLY C 78 -5.94 3.77 7.59
CA GLY C 78 -7.09 2.99 7.16
C GLY C 78 -8.40 3.67 7.50
N ALA C 79 -8.45 4.36 8.65
CA ALA C 79 -9.66 5.05 9.07
C ALA C 79 -10.06 6.06 8.01
N PHE C 80 -9.08 6.59 7.30
CA PHE C 80 -9.28 7.57 6.22
C PHE C 80 -9.54 6.87 4.89
N LEU C 81 -8.67 5.93 4.53
CA LEU C 81 -8.77 5.23 3.24
C LEU C 81 -9.98 4.32 2.99
N TYR C 82 -10.27 3.40 3.91
CA TYR C 82 -11.36 2.47 3.67
C TYR C 82 -12.76 3.05 3.48
N PRO C 83 -13.13 4.07 4.27
CA PRO C 83 -14.49 4.58 4.02
C PRO C 83 -14.57 5.19 2.63
N LEU C 84 -13.48 5.82 2.19
CA LEU C 84 -13.45 6.44 0.87
C LEU C 84 -13.53 5.41 -0.26
N LEU C 85 -12.92 4.25 -0.06
CA LEU C 85 -12.98 3.20 -1.07
C LEU C 85 -14.45 2.82 -1.25
N HIS C 86 -15.17 2.70 -0.13
CA HIS C 86 -16.57 2.35 -0.19
C HIS C 86 -17.40 3.46 -0.84
N GLU C 87 -17.11 4.71 -0.49
CA GLU C 87 -17.84 5.84 -1.07
C GLU C 87 -17.66 5.90 -2.58
N ALA C 88 -16.52 5.41 -3.06
CA ALA C 88 -16.23 5.41 -4.49
C ALA C 88 -16.77 4.16 -5.18
N GLY C 89 -17.45 3.30 -4.40
CA GLY C 89 -17.99 2.07 -4.95
C GLY C 89 -16.95 1.00 -5.24
N LEU C 90 -15.87 0.99 -4.46
CA LEU C 90 -14.80 0.01 -4.70
C LEU C 90 -14.63 -1.06 -3.61
N SER C 91 -15.62 -1.18 -2.71
CA SER C 91 -15.52 -2.18 -1.63
C SER C 91 -16.89 -2.58 -1.10
N SER C 92 -16.94 -3.68 -0.35
CA SER C 92 -18.18 -4.21 0.20
C SER C 92 -18.71 -3.45 1.42
N LYS C 93 -17.81 -2.83 2.19
CA LYS C 93 -18.23 -2.07 3.36
C LYS C 93 -17.18 -1.03 3.73
N PRO C 94 -17.60 0.01 4.47
CA PRO C 94 -16.72 1.09 4.91
C PRO C 94 -15.51 0.76 5.78
N GLU C 95 -15.65 -0.20 6.69
CA GLU C 95 -14.53 -0.54 7.58
C GLU C 95 -13.78 -1.81 7.25
N SER C 96 -12.52 -1.84 7.66
CA SER C 96 -11.66 -2.99 7.46
C SER C 96 -11.25 -3.52 8.82
N LEU C 97 -11.66 -4.74 9.12
CA LEU C 97 -11.33 -5.35 10.40
C LEU C 97 -10.67 -6.70 10.14
N PRO C 98 -9.55 -6.99 10.82
CA PRO C 98 -8.88 -8.26 10.60
C PRO C 98 -9.85 -9.43 10.76
N GLY C 99 -9.81 -10.36 9.82
CA GLY C 99 -10.69 -11.51 9.90
C GLY C 99 -12.12 -11.28 9.44
N ASP C 100 -12.45 -10.09 8.96
CA ASP C 100 -13.82 -9.86 8.50
C ASP C 100 -14.00 -10.37 7.07
N ASP C 101 -15.13 -10.05 6.47
CA ASP C 101 -15.41 -10.50 5.10
C ASP C 101 -15.33 -9.39 4.06
N LEU C 102 -14.51 -8.38 4.34
CA LEU C 102 -14.35 -7.25 3.44
C LEU C 102 -13.88 -7.65 2.05
N ARG C 103 -14.56 -7.17 1.02
CA ARG C 103 -14.19 -7.46 -0.36
C ARG C 103 -13.88 -6.14 -1.07
N LEU C 104 -12.84 -6.16 -1.89
CA LEU C 104 -12.48 -4.97 -2.65
C LEU C 104 -12.86 -5.27 -4.10
N TYR C 105 -13.51 -4.32 -4.75
CA TYR C 105 -13.94 -4.51 -6.13
C TYR C 105 -13.10 -3.74 -7.15
N GLY C 106 -12.24 -4.47 -7.86
CA GLY C 106 -11.38 -3.86 -8.86
C GLY C 106 -10.16 -3.17 -8.32
N VAL C 107 -9.91 -3.31 -7.02
CA VAL C 107 -8.77 -2.68 -6.36
C VAL C 107 -7.97 -3.67 -5.54
N TYR C 108 -6.65 -3.45 -5.48
CA TYR C 108 -5.73 -4.29 -4.70
C TYR C 108 -4.80 -3.36 -3.96
N LEU C 109 -4.43 -3.71 -2.73
CA LEU C 109 -3.57 -2.87 -1.91
C LEU C 109 -2.27 -3.54 -1.46
N THR C 110 -1.17 -2.82 -1.57
CA THR C 110 0.13 -3.32 -1.11
C THR C 110 1.04 -2.11 -0.92
N ALA C 111 2.34 -2.34 -0.75
CA ALA C 111 3.27 -1.22 -0.54
C ALA C 111 4.69 -1.55 -0.99
N ALA C 112 5.54 -0.52 -1.02
CA ALA C 112 6.92 -0.66 -1.45
C ALA C 112 7.75 -1.59 -0.57
N VAL C 113 7.56 -1.45 0.74
CA VAL C 113 8.26 -2.25 1.74
C VAL C 113 7.18 -2.98 2.51
N ARG C 114 7.45 -4.23 2.88
CA ARG C 114 6.44 -5.05 3.56
C ARG C 114 6.62 -5.35 5.05
N CYS C 115 7.64 -4.75 5.68
CA CYS C 115 7.88 -4.90 7.11
C CYS C 115 8.01 -3.52 7.72
N ALA C 116 7.38 -3.31 8.88
CA ALA C 116 7.41 -2.02 9.56
C ALA C 116 8.83 -1.48 9.76
N PRO C 117 9.11 -0.29 9.24
CA PRO C 117 10.42 0.36 9.36
C PRO C 117 10.47 1.47 10.41
N PRO C 118 11.61 1.64 11.09
CA PRO C 118 11.71 2.70 12.11
C PRO C 118 11.42 4.07 11.48
N LYS C 119 10.66 4.90 12.20
CA LYS C 119 10.31 6.24 11.74
C LYS C 119 9.59 6.23 10.39
N ASN C 120 9.05 5.09 9.99
CA ASN C 120 8.35 4.98 8.70
C ASN C 120 9.29 5.39 7.59
N LYS C 121 10.57 5.08 7.77
CA LYS C 121 11.57 5.44 6.78
C LYS C 121 12.52 4.29 6.44
N PRO C 122 12.19 3.52 5.40
CA PRO C 122 13.08 2.41 5.04
C PRO C 122 14.34 2.97 4.39
N THR C 123 15.44 2.22 4.45
CA THR C 123 16.69 2.65 3.85
C THR C 123 16.66 2.30 2.36
N PRO C 124 17.54 2.93 1.57
CA PRO C 124 17.56 2.62 0.14
C PRO C 124 17.80 1.13 -0.09
N GLU C 125 18.59 0.52 0.80
CA GLU C 125 18.90 -0.89 0.67
C GLU C 125 17.69 -1.78 0.96
N GLU C 126 16.86 -1.39 1.93
CA GLU C 126 15.69 -2.17 2.27
C GLU C 126 14.67 -2.10 1.15
N LEU C 127 14.60 -0.94 0.49
CA LEU C 127 13.67 -0.76 -0.63
C LEU C 127 14.11 -1.66 -1.79
N ARG C 128 15.40 -1.68 -2.07
CA ARG C 128 15.92 -2.52 -3.16
C ARG C 128 15.65 -3.99 -2.86
N ALA C 129 15.75 -4.35 -1.58
CA ALA C 129 15.51 -5.73 -1.18
C ALA C 129 14.06 -6.13 -1.37
N CYS C 130 13.12 -5.36 -0.81
CA CYS C 130 11.71 -5.70 -0.92
C CYS C 130 11.16 -5.53 -2.34
N ALA C 131 11.89 -4.82 -3.19
CA ALA C 131 11.44 -4.63 -4.57
C ALA C 131 11.29 -5.98 -5.27
N ARG C 132 12.02 -6.99 -4.81
CA ARG C 132 11.91 -8.32 -5.42
C ARG C 132 10.49 -8.84 -5.22
N TRP C 133 9.90 -8.51 -4.08
CA TRP C 133 8.54 -8.95 -3.79
C TRP C 133 7.55 -8.13 -4.60
N THR C 134 7.87 -6.88 -4.88
CA THR C 134 7.00 -6.04 -5.69
C THR C 134 6.90 -6.67 -7.08
N GLU C 135 8.04 -7.17 -7.58
CA GLU C 135 8.07 -7.79 -8.90
C GLU C 135 7.15 -9.00 -8.91
N VAL C 136 7.27 -9.83 -7.88
CA VAL C 136 6.42 -11.01 -7.80
C VAL C 136 4.95 -10.68 -7.62
N GLU C 137 4.65 -9.77 -6.70
CA GLU C 137 3.27 -9.40 -6.41
C GLU C 137 2.56 -8.72 -7.58
N LEU C 138 3.21 -7.73 -8.20
CA LEU C 138 2.59 -7.05 -9.33
C LEU C 138 2.46 -8.02 -10.50
N GLY C 139 3.33 -9.03 -10.51
CA GLY C 139 3.28 -10.03 -11.56
C GLY C 139 2.02 -10.86 -11.40
N LEU C 140 1.49 -10.91 -10.18
CA LEU C 140 0.28 -11.67 -9.91
C LEU C 140 -1.00 -10.83 -10.08
N LEU C 141 -0.83 -9.61 -10.58
CA LEU C 141 -1.96 -8.71 -10.81
C LEU C 141 -1.96 -8.31 -12.29
N PRO C 142 -2.32 -9.25 -13.16
CA PRO C 142 -2.37 -9.08 -14.62
C PRO C 142 -3.34 -8.05 -15.18
N GLU C 143 -4.43 -7.76 -14.49
CA GLU C 143 -5.41 -6.81 -15.00
C GLU C 143 -5.22 -5.35 -14.61
N VAL C 144 -4.19 -5.04 -13.83
CA VAL C 144 -4.00 -3.65 -13.42
C VAL C 144 -3.74 -2.71 -14.59
N ARG C 145 -4.50 -1.62 -14.63
CA ARG C 145 -4.36 -0.62 -15.67
C ARG C 145 -3.89 0.69 -15.08
N VAL C 146 -4.18 0.90 -13.80
CA VAL C 146 -3.81 2.13 -13.13
C VAL C 146 -3.05 1.87 -11.83
N TYR C 147 -1.83 2.37 -11.75
CA TYR C 147 -1.01 2.22 -10.57
C TYR C 147 -0.98 3.56 -9.85
N VAL C 148 -1.49 3.58 -8.62
CA VAL C 148 -1.55 4.79 -7.82
C VAL C 148 -0.51 4.79 -6.71
N ALA C 149 0.45 5.70 -6.81
CA ALA C 149 1.50 5.83 -5.81
C ALA C 149 1.01 6.73 -4.69
N LEU C 150 0.99 6.19 -3.47
CA LEU C 150 0.56 6.97 -2.31
C LEU C 150 1.82 7.51 -1.65
N GLY C 151 2.23 8.71 -2.05
CA GLY C 151 3.43 9.30 -1.48
C GLY C 151 4.66 9.22 -2.37
N ARG C 152 5.66 10.04 -2.05
CA ARG C 152 6.91 10.08 -2.81
C ARG C 152 7.65 8.76 -2.87
N ILE C 153 7.88 8.14 -1.72
CA ILE C 153 8.59 6.87 -1.67
C ILE C 153 7.95 5.87 -2.62
N ALA C 154 6.63 5.72 -2.51
CA ALA C 154 5.89 4.80 -3.34
C ALA C 154 6.09 5.11 -4.82
N LEU C 155 5.99 6.38 -5.19
CA LEU C 155 6.18 6.76 -6.59
C LEU C 155 7.54 6.31 -7.09
N GLU C 156 8.58 6.68 -6.35
CA GLU C 156 9.93 6.30 -6.74
C GLU C 156 10.08 4.80 -6.86
N ALA C 157 9.43 4.04 -5.98
CA ALA C 157 9.50 2.59 -6.04
C ALA C 157 8.87 2.10 -7.34
N LEU C 158 7.72 2.69 -7.70
CA LEU C 158 7.05 2.31 -8.94
C LEU C 158 7.86 2.72 -10.16
N LEU C 159 8.55 3.87 -10.07
CA LEU C 159 9.37 4.32 -11.18
C LEU C 159 10.49 3.32 -11.43
N ALA C 160 11.07 2.80 -10.35
CA ALA C 160 12.14 1.82 -10.47
C ALA C 160 11.56 0.57 -11.14
N HIS C 161 10.39 0.16 -10.71
CA HIS C 161 9.72 -1.02 -11.24
C HIS C 161 9.52 -0.92 -12.75
N PHE C 162 9.05 0.24 -13.21
CA PHE C 162 8.79 0.48 -14.62
C PHE C 162 10.01 0.99 -15.39
N GLY C 163 11.15 1.09 -14.71
CA GLY C 163 12.36 1.57 -15.35
C GLY C 163 12.21 2.97 -15.90
N LEU C 164 11.54 3.84 -15.16
CA LEU C 164 11.34 5.21 -15.60
C LEU C 164 12.28 6.19 -14.89
N ARG C 165 12.61 7.27 -15.58
CA ARG C 165 13.51 8.29 -15.04
C ARG C 165 12.80 9.22 -14.06
N LYS C 166 13.44 9.44 -12.91
CA LYS C 166 12.86 10.32 -11.89
C LYS C 166 12.75 11.74 -12.44
N SER C 167 13.76 12.15 -13.20
CA SER C 167 13.80 13.49 -13.78
C SER C 167 12.58 13.77 -14.67
N ALA C 168 12.07 12.73 -15.32
CA ALA C 168 10.92 12.89 -16.21
C ALA C 168 9.59 12.67 -15.49
N HIS C 169 9.63 12.15 -14.27
CA HIS C 169 8.40 11.89 -13.53
C HIS C 169 8.48 12.39 -12.09
N PRO C 170 8.44 13.71 -11.90
CA PRO C 170 8.51 14.30 -10.57
C PRO C 170 7.27 13.97 -9.73
N PHE C 171 7.43 14.03 -8.41
CA PHE C 171 6.32 13.74 -7.52
C PHE C 171 5.50 14.99 -7.21
N ARG C 172 4.22 14.95 -7.57
CA ARG C 172 3.32 16.05 -7.29
C ARG C 172 1.91 15.46 -7.23
N HIS C 173 1.14 15.88 -6.24
CA HIS C 173 -0.21 15.37 -6.10
C HIS C 173 -1.00 15.63 -7.37
N GLY C 174 -1.62 14.59 -7.90
CA GLY C 174 -2.42 14.74 -9.11
C GLY C 174 -1.67 14.44 -10.40
N ALA C 175 -0.36 14.27 -10.31
CA ALA C 175 0.44 13.98 -11.50
C ALA C 175 -0.07 12.70 -12.17
N HIS C 176 -0.06 12.71 -13.50
CA HIS C 176 -0.53 11.57 -14.29
C HIS C 176 0.49 11.28 -15.39
N TYR C 177 0.99 10.05 -15.42
CA TYR C 177 1.97 9.65 -16.42
C TYR C 177 1.54 8.41 -17.17
N PRO C 178 1.81 8.35 -18.48
CA PRO C 178 1.45 7.19 -19.29
C PRO C 178 2.40 6.01 -19.12
N LEU C 179 1.87 4.80 -19.23
CA LEU C 179 2.67 3.59 -19.12
C LEU C 179 2.42 2.76 -20.37
N PRO C 180 3.40 1.90 -20.74
CA PRO C 180 3.25 1.05 -21.93
C PRO C 180 1.96 0.24 -21.90
N GLY C 181 1.36 0.05 -23.07
CA GLY C 181 0.11 -0.72 -23.14
C GLY C 181 -1.12 0.08 -22.75
N GLY C 182 -1.03 1.40 -22.88
CA GLY C 182 -2.15 2.25 -22.53
C GLY C 182 -2.48 2.26 -21.04
N ARG C 183 -1.48 1.98 -20.21
CA ARG C 183 -1.72 1.99 -18.77
C ARG C 183 -1.37 3.34 -18.16
N HIS C 184 -1.67 3.53 -16.87
CA HIS C 184 -1.44 4.82 -16.24
C HIS C 184 -0.77 4.76 -14.86
N LEU C 185 0.05 5.77 -14.59
CA LEU C 185 0.73 5.89 -13.30
C LEU C 185 0.26 7.19 -12.67
N LEU C 186 -0.43 7.10 -11.54
CA LEU C 186 -0.93 8.30 -10.86
C LEU C 186 -0.21 8.51 -9.54
N ALA C 187 -0.05 9.77 -9.16
CA ALA C 187 0.59 10.10 -7.90
C ALA C 187 -0.37 10.90 -7.03
N SER C 188 -0.37 10.55 -5.74
CA SER C 188 -1.21 11.22 -4.76
C SER C 188 -0.42 11.34 -3.46
N TYR C 189 -0.81 12.28 -2.62
CA TYR C 189 -0.14 12.42 -1.34
C TYR C 189 -0.50 11.13 -0.59
N HIS C 190 0.34 10.72 0.36
CA HIS C 190 0.06 9.51 1.13
C HIS C 190 -1.12 9.75 2.07
N VAL C 191 -1.80 8.67 2.48
CA VAL C 191 -2.97 8.77 3.35
C VAL C 191 -2.65 8.90 4.85
N SER C 192 -1.37 9.05 5.17
CA SER C 192 -0.93 9.21 6.55
C SER C 192 -1.67 10.30 7.34
N ARG C 193 -1.84 10.05 8.64
CA ARG C 193 -2.49 10.99 9.53
C ARG C 193 -1.83 12.36 9.43
N GLN C 194 -0.52 12.36 9.18
CA GLN C 194 0.27 13.58 9.03
C GLN C 194 -0.20 14.41 7.85
N ASN C 195 -0.74 13.75 6.84
CA ASN C 195 -1.22 14.44 5.65
C ASN C 195 -2.69 14.81 5.71
N THR C 196 -3.51 13.91 6.23
CA THR C 196 -4.94 14.17 6.28
C THR C 196 -5.36 15.09 7.42
N GLN C 197 -4.75 14.94 8.58
CA GLN C 197 -5.11 15.76 9.73
C GLN C 197 -4.56 17.18 9.64
N THR C 198 -3.55 17.38 8.81
CA THR C 198 -2.96 18.71 8.63
C THR C 198 -3.59 19.47 7.47
N GLY C 199 -4.45 18.79 6.72
CA GLY C 199 -5.10 19.43 5.60
C GLY C 199 -4.35 19.32 4.30
N ARG C 200 -3.20 18.65 4.29
CA ARG C 200 -2.45 18.52 3.05
C ARG C 200 -3.22 17.65 2.08
N LEU C 201 -3.85 16.60 2.59
CA LEU C 201 -4.66 15.70 1.77
C LEU C 201 -6.04 15.61 2.42
N THR C 202 -7.05 16.14 1.74
CA THR C 202 -8.40 16.10 2.29
C THR C 202 -9.19 14.91 1.76
N ARG C 203 -10.32 14.62 2.39
CA ARG C 203 -11.16 13.52 1.93
C ARG C 203 -11.60 13.80 0.49
N GLU C 204 -11.89 15.07 0.20
CA GLU C 204 -12.32 15.45 -1.15
C GLU C 204 -11.23 15.15 -2.18
N MET C 205 -10.00 15.55 -1.87
CA MET C 205 -8.86 15.33 -2.75
C MET C 205 -8.62 13.85 -3.05
N PHE C 206 -8.66 13.01 -2.03
CA PHE C 206 -8.41 11.59 -2.25
C PHE C 206 -9.56 10.88 -2.97
N LEU C 207 -10.80 11.22 -2.65
CA LEU C 207 -11.92 10.59 -3.34
C LEU C 207 -11.75 10.90 -4.82
N GLU C 208 -11.33 12.13 -5.12
CA GLU C 208 -11.12 12.55 -6.50
C GLU C 208 -10.08 11.66 -7.17
N VAL C 209 -9.00 11.35 -6.46
CA VAL C 209 -7.95 10.49 -7.01
C VAL C 209 -8.57 9.15 -7.36
N LEU C 210 -9.37 8.62 -6.45
CA LEU C 210 -10.04 7.34 -6.65
C LEU C 210 -10.99 7.38 -7.84
N MET C 211 -11.76 8.47 -7.97
CA MET C 211 -12.70 8.57 -9.07
C MET C 211 -11.95 8.68 -10.40
N GLU C 212 -10.80 9.35 -10.38
CA GLU C 212 -9.98 9.51 -11.58
C GLU C 212 -9.38 8.15 -11.96
N ALA C 213 -8.93 7.41 -10.96
CA ALA C 213 -8.36 6.08 -11.21
C ALA C 213 -9.42 5.19 -11.85
N LYS C 214 -10.65 5.28 -11.35
CA LYS C 214 -11.74 4.48 -11.91
C LYS C 214 -11.95 4.86 -13.38
N ARG C 215 -12.00 6.17 -13.63
CA ARG C 215 -12.20 6.66 -14.99
C ARG C 215 -11.12 6.13 -15.93
N LEU C 216 -9.85 6.28 -15.55
CA LEU C 216 -8.75 5.82 -16.38
C LEU C 216 -8.69 4.30 -16.52
N ALA C 217 -9.25 3.58 -15.56
CA ALA C 217 -9.24 2.11 -15.60
C ALA C 217 -10.43 1.54 -16.36
N GLY C 218 -11.32 2.42 -16.82
CA GLY C 218 -12.49 1.95 -17.54
C GLY C 218 -13.59 1.49 -16.62
N LEU C 219 -13.48 1.83 -15.33
CA LEU C 219 -14.49 1.44 -14.36
C LEU C 219 -15.49 2.58 -14.15
P 2HP D . -4.93 9.87 29.51
O1 2HP D . -4.94 11.41 29.48
O2 2HP D . -5.72 9.35 30.72
O3 2HP D . -5.47 9.31 28.19
O4 2HP D . -3.48 9.37 29.65
FE1 SF4 E . 10.51 -7.52 5.04
FE2 SF4 E . 12.82 -6.79 3.88
FE3 SF4 E . 10.57 -6.92 2.43
FE4 SF4 E . 11.75 -9.17 3.34
S1 SF4 E . 12.60 -7.72 1.84
S2 SF4 E . 9.54 -8.67 3.37
S3 SF4 E . 12.54 -8.50 5.34
S4 SF4 E . 10.97 -5.52 4.15
P 2HP F . -0.30 0.52 7.01
O1 2HP F . -1.44 1.45 7.31
O2 2HP F . 0.11 -0.32 8.23
O3 2HP F . -0.66 -0.32 5.85
O4 2HP F . 0.91 1.41 6.60
C1 GOL G . -9.46 0.98 10.96
O1 GOL G . -8.34 1.73 11.75
C2 GOL G . -9.26 0.35 9.74
O2 GOL G . -8.05 -0.14 9.64
C3 GOL G . -10.25 0.35 9.14
O3 GOL G . -11.66 0.59 8.80
C1 GOL H . 1.47 -12.52 19.56
O1 GOL H . 1.66 -11.04 19.02
C2 GOL H . 1.90 -12.87 20.85
O2 GOL H . 3.23 -13.03 20.90
C3 GOL H . 0.94 -13.02 21.56
O3 GOL H . -0.52 -13.10 21.98
C1 EOH I . -11.63 16.54 5.63
C2 EOH I . -12.98 16.20 5.16
O EOH I . -10.60 15.82 4.93
#